data_4R9I
#
_entry.id   4R9I
#
_cell.length_a   109.301
_cell.length_b   109.301
_cell.length_c   72.545
_cell.angle_alpha   90.00
_cell.angle_beta   90.00
_cell.angle_gamma   90.00
#
_symmetry.space_group_name_H-M   'P 41 21 2'
#
loop_
_entity.id
_entity.type
_entity.pdbx_description
1 polymer Serpin-18
2 non-polymer 'SODIUM ION'
3 non-polymer 'CITRATE ANION'
4 non-polymer BETA-MERCAPTOETHANOL
5 water water
#
_entity_poly.entity_id   1
_entity_poly.type   'polypeptide(L)'
_entity_poly.pdbx_seq_one_letter_code
;HHHHHMTKNYTEAQLKYYDANTGLCGIGIDQWFQYEPERNQFSTAFPLLFMLSELSLNSKEDTTAELYKNLNLRSEDEVV
NVNQAVNTNLNTKNEVYQSTLILNAYTDIDSPFSETFIQNFAKVFNGTVKNIDYSNDAVATIRDSLQSDSGNDIEIALKD
GDINKDTGIILTAYTNIYFPWGEASDSYRPYKQIDISFTALDGTQSNKQAWYSEGAGKYAEIENLGIKVFQFSLKPGLTV
VLGTSLNDNNDLSGAFNKLRDPATLAYILTQTESKYLKLAVPIELTMRDSRDYIPEVKRAGLLTELFEKNFDGFDTVYDN
KSGYISYMLSHTRLEFEQPTEEQAASVVAEPDFIFDKPYFFLVLDQFNTPAFIGLITN
;
_entity_poly.pdbx_strand_id   A
#
# COMPACT_ATOMS: atom_id res chain seq x y z
N HIS A 1 -12.15 -0.50 -20.32
CA HIS A 1 -11.49 -0.29 -18.99
C HIS A 1 -10.68 -1.52 -18.59
N HIS A 2 -9.41 -1.28 -18.28
CA HIS A 2 -8.48 -2.34 -17.92
C HIS A 2 -7.34 -1.75 -17.09
N HIS A 3 -6.53 -2.65 -16.53
CA HIS A 3 -5.46 -2.27 -15.66
C HIS A 3 -4.10 -2.70 -16.22
N HIS A 4 -3.98 -2.71 -17.55
CA HIS A 4 -2.67 -3.03 -18.14
C HIS A 4 -2.08 -1.87 -18.90
N HIS A 5 -2.49 -0.63 -18.57
CA HIS A 5 -1.91 0.52 -19.26
C HIS A 5 -0.42 0.59 -19.01
N MET A 6 0.37 0.67 -20.10
CA MET A 6 1.80 0.83 -19.95
C MET A 6 2.29 1.90 -20.91
N THR A 7 3.29 2.63 -20.49
CA THR A 7 3.98 3.51 -21.42
C THR A 7 4.69 2.63 -22.45
N LYS A 8 4.50 2.96 -23.74
CA LYS A 8 5.16 2.18 -24.80
C LYS A 8 6.59 2.66 -25.04
N ASN A 9 6.90 3.90 -24.67
CA ASN A 9 8.25 4.43 -24.85
C ASN A 9 9.20 4.20 -23.68
N TYR A 10 8.64 3.93 -22.48
CA TYR A 10 9.44 3.82 -21.25
C TYR A 10 9.02 2.57 -20.51
N THR A 11 8.82 1.50 -21.28
CA THR A 11 8.26 0.24 -20.75
C THR A 11 9.14 -0.38 -19.66
N GLU A 12 10.44 -0.51 -19.94
CA GLU A 12 11.38 -1.01 -18.97
C GLU A 12 11.34 -0.20 -17.66
N ALA A 13 11.24 1.12 -17.79
CA ALA A 13 11.18 2.00 -16.61
C ALA A 13 9.92 1.73 -15.80
N GLN A 14 8.80 1.49 -16.47
CA GLN A 14 7.57 1.13 -15.70
C GLN A 14 7.77 -0.18 -14.91
N LEU A 15 8.40 -1.16 -15.53
CA LEU A 15 8.68 -2.41 -14.85
C LEU A 15 9.63 -2.21 -13.67
N LYS A 16 10.61 -1.35 -13.84
CA LYS A 16 11.50 -0.98 -12.74
C LYS A 16 10.78 -0.24 -11.61
N TYR A 17 9.81 0.60 -11.97
CA TYR A 17 9.04 1.31 -10.96
C TYR A 17 8.24 0.31 -10.14
N TYR A 18 7.63 -0.67 -10.79
CA TYR A 18 6.97 -1.74 -10.04
C TYR A 18 7.97 -2.44 -9.10
N ASP A 19 9.21 -2.67 -9.54
CA ASP A 19 10.19 -3.20 -8.60
C ASP A 19 10.45 -2.30 -7.41
N ALA A 20 10.48 -0.97 -7.62
CA ALA A 20 10.60 -0.05 -6.47
C ALA A 20 9.42 -0.24 -5.51
N ASN A 21 8.22 -0.32 -6.07
CA ASN A 21 7.01 -0.58 -5.26
C ASN A 21 7.12 -1.87 -4.46
N THR A 22 7.53 -2.94 -5.13
CA THR A 22 7.70 -4.23 -4.46
C THR A 22 8.68 -4.11 -3.28
N GLY A 23 9.84 -3.48 -3.55
CA GLY A 23 10.87 -3.32 -2.53
C GLY A 23 10.45 -2.43 -1.36
N LEU A 24 9.67 -1.38 -1.66
CA LEU A 24 9.17 -0.49 -0.59
C LEU A 24 8.17 -1.22 0.29
N CYS A 25 7.37 -2.11 -0.30
CA CYS A 25 6.47 -2.93 0.50
C CYS A 25 7.27 -3.79 1.48
N GLY A 26 8.39 -4.32 1.00
CA GLY A 26 9.31 -5.13 1.83
C GLY A 26 9.93 -4.34 2.95
N ILE A 27 10.44 -3.15 2.66
CA ILE A 27 11.00 -2.27 3.70
C ILE A 27 9.88 -1.98 4.70
N GLY A 28 8.70 -1.70 4.19
CA GLY A 28 7.57 -1.42 5.07
C GLY A 28 7.28 -2.49 6.11
N ILE A 29 7.12 -3.73 5.66
CA ILE A 29 6.81 -4.80 6.60
C ILE A 29 8.00 -5.18 7.50
N ASP A 30 9.22 -5.09 6.96
CA ASP A 30 10.42 -5.32 7.75
C ASP A 30 10.43 -4.34 8.91
N GLN A 31 10.09 -3.07 8.63
CA GLN A 31 10.08 -2.04 9.68
C GLN A 31 8.91 -2.23 10.65
N TRP A 32 7.74 -2.61 10.13
CA TRP A 32 6.60 -2.85 11.03
C TRP A 32 6.95 -3.92 12.05
N PHE A 33 7.55 -5.02 11.59
CA PHE A 33 7.85 -6.12 12.51
C PHE A 33 8.92 -5.74 13.54
N GLN A 34 9.86 -4.89 13.13
CA GLN A 34 10.91 -4.41 14.02
C GLN A 34 10.42 -3.39 15.04
N TYR A 35 9.75 -2.35 14.56
CA TYR A 35 9.39 -1.21 15.39
C TYR A 35 8.01 -1.31 16.03
N GLU A 36 7.08 -2.03 15.39
CA GLU A 36 5.66 -2.03 15.80
C GLU A 36 5.10 -3.46 15.87
N PRO A 37 5.82 -4.39 16.55
CA PRO A 37 5.36 -5.79 16.55
C PRO A 37 4.00 -5.99 17.25
N GLU A 38 3.56 -4.99 18.00
CA GLU A 38 2.27 -5.03 18.69
C GLU A 38 1.06 -4.73 17.78
N ARG A 39 1.31 -4.30 16.54
CA ARG A 39 0.26 -3.76 15.67
C ARG A 39 -0.08 -4.73 14.56
N ASN A 40 -1.37 -4.87 14.29
CA ASN A 40 -1.83 -5.40 13.01
C ASN A 40 -2.00 -4.19 12.12
N GLN A 41 -1.45 -4.27 10.92
CA GLN A 41 -1.57 -3.14 10.02
C GLN A 41 -1.38 -3.52 8.56
N PHE A 42 -1.85 -2.68 7.67
CA PHE A 42 -1.57 -2.84 6.24
C PHE A 42 -1.43 -1.50 5.55
N SER A 43 -0.87 -1.53 4.35
CA SER A 43 -0.58 -0.29 3.65
C SER A 43 -0.32 -0.55 2.18
N THR A 44 -0.29 0.53 1.41
CA THR A 44 0.12 0.52 -0.01
C THR A 44 1.25 1.52 -0.20
N ALA A 45 2.21 1.20 -1.07
CA ALA A 45 3.32 2.10 -1.35
C ALA A 45 3.10 2.94 -2.59
N PHE A 46 2.06 2.65 -3.38
CA PHE A 46 1.90 3.42 -4.61
C PHE A 46 1.69 4.93 -4.36
N PRO A 47 0.88 5.28 -3.36
CA PRO A 47 0.78 6.74 -3.15
C PRO A 47 2.10 7.43 -2.77
N LEU A 48 2.96 6.76 -2.01
CA LEU A 48 4.27 7.31 -1.67
C LEU A 48 5.11 7.49 -2.92
N LEU A 49 5.11 6.47 -3.79
CA LEU A 49 5.84 6.58 -5.06
C LEU A 49 5.31 7.74 -5.91
N PHE A 50 4.00 7.90 -5.96
CA PHE A 50 3.39 8.99 -6.72
C PHE A 50 3.83 10.33 -6.15
N MET A 51 3.80 10.46 -4.83
CA MET A 51 4.20 11.72 -4.17
C MET A 51 5.68 12.04 -4.45
N LEU A 52 6.56 11.06 -4.30
CA LEU A 52 7.97 11.31 -4.55
C LEU A 52 8.18 11.62 -6.03
N SER A 53 7.43 10.95 -6.92
CA SER A 53 7.50 11.22 -8.37
C SER A 53 7.15 12.68 -8.64
N GLU A 54 6.07 13.14 -8.03
CA GLU A 54 5.67 14.52 -8.23
C GLU A 54 6.77 15.48 -7.79
N LEU A 55 7.36 15.21 -6.63
CA LEU A 55 8.43 16.06 -6.14
C LEU A 55 9.62 16.02 -7.08
N SER A 56 9.86 14.87 -7.72
CA SER A 56 11.00 14.73 -8.63
C SER A 56 10.90 15.58 -9.90
N LEU A 57 9.72 16.13 -10.17
CA LEU A 57 9.49 17.01 -11.32
C LEU A 57 9.73 18.49 -10.97
N ASN A 58 9.97 18.74 -9.69
CA ASN A 58 10.06 20.09 -9.17
C ASN A 58 11.25 20.36 -8.25
N SER A 59 12.29 19.53 -8.34
CA SER A 59 13.44 19.60 -7.45
C SER A 59 14.73 20.10 -8.08
N LYS A 60 15.61 20.65 -7.25
CA LYS A 60 16.98 20.95 -7.69
C LYS A 60 17.73 19.67 -7.99
N GLU A 61 18.88 19.81 -8.64
CA GLU A 61 19.63 18.66 -9.18
C GLU A 61 19.90 17.51 -8.19
N ASP A 62 20.47 17.81 -7.02
CA ASP A 62 20.89 16.73 -6.11
C ASP A 62 19.69 16.01 -5.53
N THR A 63 18.65 16.79 -5.20
CA THR A 63 17.41 16.23 -4.69
C THR A 63 16.74 15.36 -5.74
N THR A 64 16.72 15.83 -6.98
CA THR A 64 16.15 15.07 -8.09
C THR A 64 16.83 13.71 -8.17
N ALA A 65 18.15 13.73 -8.13
CA ALA A 65 18.94 12.48 -8.22
C ALA A 65 18.57 11.53 -7.09
N GLU A 66 18.42 12.06 -5.88
CA GLU A 66 18.11 11.19 -4.73
C GLU A 66 16.70 10.63 -4.87
N LEU A 67 15.77 11.44 -5.37
CA LEU A 67 14.40 10.98 -5.62
C LEU A 67 14.41 9.88 -6.69
N TYR A 68 15.06 10.14 -7.82
CA TYR A 68 15.22 9.12 -8.87
C TYR A 68 15.74 7.79 -8.32
N LYS A 69 16.74 7.82 -7.45
CA LYS A 69 17.35 6.58 -6.93
C LYS A 69 16.28 5.73 -6.22
N ASN A 70 15.40 6.39 -5.48
CA ASN A 70 14.32 5.69 -4.78
C ASN A 70 13.15 5.25 -5.65
N LEU A 71 12.99 5.89 -6.79
CA LEU A 71 11.89 5.57 -7.68
C LEU A 71 12.24 4.51 -8.69
N ASN A 72 13.54 4.25 -8.86
CA ASN A 72 14.05 3.45 -10.00
C ASN A 72 13.69 4.09 -11.34
N LEU A 73 13.61 5.42 -11.37
CA LEU A 73 13.34 6.16 -12.62
C LEU A 73 14.51 7.12 -12.78
N ARG A 74 14.74 7.62 -13.97
CA ARG A 74 15.99 8.37 -14.15
C ARG A 74 15.91 9.55 -15.06
N SER A 75 14.70 9.91 -15.44
CA SER A 75 14.50 11.10 -16.26
C SER A 75 13.10 11.62 -16.12
N GLU A 76 12.92 12.89 -16.51
CA GLU A 76 11.62 13.49 -16.53
C GLU A 76 10.66 12.71 -17.44
N ASP A 77 11.12 12.34 -18.65
CA ASP A 77 10.28 11.53 -19.51
C ASP A 77 9.77 10.24 -18.84
N GLU A 78 10.65 9.57 -18.11
CA GLU A 78 10.26 8.35 -17.40
C GLU A 78 9.25 8.71 -16.32
N VAL A 79 9.55 9.71 -15.51
CA VAL A 79 8.62 10.05 -14.40
C VAL A 79 7.21 10.35 -14.93
N VAL A 80 7.11 11.23 -15.92
CA VAL A 80 5.83 11.63 -16.50
C VAL A 80 5.09 10.45 -17.10
N ASN A 81 5.75 9.71 -17.99
CA ASN A 81 5.05 8.71 -18.75
C ASN A 81 4.75 7.43 -17.98
N VAL A 82 5.66 7.05 -17.11
CA VAL A 82 5.39 5.87 -16.25
C VAL A 82 4.23 6.23 -15.34
N ASN A 83 4.31 7.39 -14.68
CA ASN A 83 3.24 7.72 -13.72
C ASN A 83 1.86 7.95 -14.35
N GLN A 84 1.80 8.52 -15.56
CA GLN A 84 0.51 8.63 -16.23
C GLN A 84 -0.12 7.26 -16.46
N ALA A 85 0.69 6.26 -16.86
CA ALA A 85 0.12 4.93 -17.06
C ALA A 85 -0.34 4.28 -15.75
N VAL A 86 0.53 4.32 -14.74
CA VAL A 86 0.24 3.64 -13.48
C VAL A 86 -0.94 4.33 -12.81
N ASN A 87 -0.98 5.65 -12.92
CA ASN A 87 -2.12 6.38 -12.33
C ASN A 87 -3.45 5.98 -12.98
N THR A 88 -3.44 5.74 -14.28
CA THR A 88 -4.63 5.29 -14.97
C THR A 88 -5.05 3.94 -14.44
N ASN A 89 -4.09 3.02 -14.34
CA ASN A 89 -4.41 1.73 -13.76
C ASN A 89 -5.05 1.79 -12.38
N LEU A 90 -4.47 2.61 -11.52
CA LEU A 90 -4.90 2.65 -10.14
C LEU A 90 -6.16 3.52 -9.98
N ASN A 91 -6.69 4.01 -11.09
CA ASN A 91 -7.99 4.69 -11.10
C ASN A 91 -9.03 4.06 -12.01
N THR A 92 -8.78 2.84 -12.42
CA THR A 92 -9.76 2.12 -13.25
C THR A 92 -10.64 1.21 -12.42
N LYS A 93 -11.92 1.22 -12.77
CA LYS A 93 -12.88 0.26 -12.23
C LYS A 93 -13.46 -0.57 -13.34
N ASN A 94 -13.41 -1.88 -13.16
CA ASN A 94 -14.12 -2.78 -14.06
C ASN A 94 -14.59 -4.03 -13.32
N GLU A 95 -15.05 -5.03 -14.06
CA GLU A 95 -15.61 -6.25 -13.45
C GLU A 95 -14.51 -7.10 -12.79
N VAL A 96 -13.26 -6.79 -13.06
CA VAL A 96 -12.14 -7.60 -12.53
C VAL A 96 -11.74 -7.11 -11.13
N TYR A 97 -11.57 -5.81 -11.02
CA TYR A 97 -11.44 -5.15 -9.72
C TYR A 97 -11.61 -3.65 -9.88
N GLN A 98 -11.71 -2.94 -8.78
CA GLN A 98 -11.97 -1.50 -8.83
C GLN A 98 -10.91 -0.79 -8.05
N SER A 99 -10.28 0.20 -8.64
CA SER A 99 -9.26 0.96 -7.93
C SER A 99 -9.48 2.45 -8.09
N THR A 100 -9.20 3.16 -7.00
CA THR A 100 -9.23 4.64 -6.96
C THR A 100 -8.03 5.08 -6.15
N LEU A 101 -7.29 6.07 -6.66
CA LEU A 101 -6.11 6.60 -5.96
C LEU A 101 -6.03 8.08 -6.33
N ILE A 102 -6.40 8.93 -5.37
CA ILE A 102 -6.60 10.36 -5.64
C ILE A 102 -5.67 11.20 -4.76
N LEU A 103 -4.99 12.15 -5.39
CA LEU A 103 -3.95 12.93 -4.72
C LEU A 103 -4.34 14.39 -4.53
N ASN A 104 -3.97 14.93 -3.36
CA ASN A 104 -4.09 16.37 -3.08
C ASN A 104 -2.80 16.92 -2.53
N ALA A 105 -2.60 18.22 -2.74
CA ALA A 105 -1.46 18.92 -2.13
C ALA A 105 -2.03 20.12 -1.39
N TYR A 106 -1.66 20.26 -0.12
CA TYR A 106 -2.13 21.41 0.69
C TYR A 106 -1.00 22.38 0.95
N THR A 107 -1.34 23.67 1.03
CA THR A 107 -0.42 24.71 1.41
C THR A 107 -1.26 25.80 2.10
N ASP A 108 -0.60 26.60 2.92
CA ASP A 108 -1.30 27.70 3.62
C ASP A 108 -1.82 28.75 2.65
N ILE A 109 -2.94 29.40 3.01
CA ILE A 109 -3.58 30.40 2.14
C ILE A 109 -2.61 31.50 1.68
N ASP A 110 -1.60 31.80 2.49
CA ASP A 110 -0.67 32.86 2.11
C ASP A 110 0.61 32.37 1.41
N SER A 111 0.69 31.07 1.13
CA SER A 111 1.85 30.51 0.39
C SER A 111 1.37 29.65 -0.77
N PRO A 112 0.87 30.26 -1.85
CA PRO A 112 0.35 29.49 -2.99
C PRO A 112 1.47 28.73 -3.70
N PHE A 113 1.12 27.57 -4.23
CA PHE A 113 2.08 26.82 -5.02
C PHE A 113 2.42 27.56 -6.31
N SER A 114 3.58 27.25 -6.87
CA SER A 114 3.94 27.70 -8.21
C SER A 114 2.98 27.12 -9.24
N GLU A 115 2.64 27.92 -10.25
CA GLU A 115 1.89 27.43 -11.40
C GLU A 115 2.57 26.22 -12.04
N THR A 116 3.89 26.15 -11.96
CA THR A 116 4.66 25.02 -12.53
C THR A 116 4.25 23.71 -11.85
N PHE A 117 4.26 23.74 -10.51
CA PHE A 117 3.79 22.61 -9.69
C PHE A 117 2.32 22.28 -9.94
N ILE A 118 1.43 23.28 -9.89
CA ILE A 118 0.03 23.02 -10.12
C ILE A 118 -0.18 22.30 -11.46
N GLN A 119 0.52 22.77 -12.49
CA GLN A 119 0.36 22.21 -13.83
CA GLN A 119 0.32 22.21 -13.84
C GLN A 119 0.86 20.79 -13.97
N ASN A 120 2.06 20.54 -13.47
CA ASN A 120 2.62 19.19 -13.59
C ASN A 120 1.93 18.14 -12.72
N PHE A 121 1.48 18.55 -11.53
CA PHE A 121 0.66 17.70 -10.65
C PHE A 121 -0.65 17.32 -11.35
N ALA A 122 -1.32 18.30 -11.98
CA ALA A 122 -2.51 18.02 -12.78
C ALA A 122 -2.19 17.14 -13.98
N LYS A 123 -1.11 17.45 -14.69
CA LYS A 123 -0.81 16.74 -15.94
C LYS A 123 -0.51 15.27 -15.68
N VAL A 124 0.35 15.01 -14.72
CA VAL A 124 0.85 13.66 -14.50
C VAL A 124 -0.14 12.82 -13.69
N PHE A 125 -0.76 13.44 -12.67
CA PHE A 125 -1.57 12.70 -11.72
C PHE A 125 -3.05 13.09 -11.63
N ASN A 126 -3.46 14.12 -12.38
CA ASN A 126 -4.74 14.78 -12.08
C ASN A 126 -4.80 15.20 -10.61
N GLY A 127 -3.62 15.54 -10.07
CA GLY A 127 -3.52 16.04 -8.68
C GLY A 127 -4.20 17.40 -8.58
N THR A 128 -4.79 17.69 -7.41
CA THR A 128 -5.44 19.00 -7.21
C THR A 128 -4.83 19.65 -5.98
N VAL A 129 -4.65 20.97 -6.05
CA VAL A 129 -4.10 21.70 -4.91
C VAL A 129 -5.23 22.39 -4.14
N LYS A 130 -4.98 22.58 -2.86
CA LYS A 130 -5.96 23.19 -1.96
C LYS A 130 -5.22 24.17 -1.08
N ASN A 131 -5.77 25.39 -1.02
CA ASN A 131 -5.17 26.46 -0.23
C ASN A 131 -6.06 26.62 0.99
N ILE A 132 -5.51 26.32 2.16
CA ILE A 132 -6.28 26.31 3.39
C ILE A 132 -5.60 27.14 4.47
N ASP A 133 -6.37 27.51 5.49
CA ASP A 133 -5.82 28.34 6.56
C ASP A 133 -5.14 27.48 7.62
N TYR A 134 -3.80 27.50 7.63
CA TYR A 134 -3.01 26.66 8.55
C TYR A 134 -3.18 27.13 9.99
N SER A 135 -3.78 28.31 10.17
CA SER A 135 -4.10 28.80 11.51
C SER A 135 -5.47 28.48 12.04
N ASN A 136 -6.34 27.93 11.20
CA ASN A 136 -7.68 27.61 11.62
C ASN A 136 -8.27 26.29 11.15
N ASP A 137 -8.29 25.32 12.07
CA ASP A 137 -9.00 24.05 11.88
CA ASP A 137 -8.97 24.05 11.89
C ASP A 137 -8.46 23.26 10.69
N ALA A 138 -7.18 23.44 10.38
CA ALA A 138 -6.56 22.80 9.20
C ALA A 138 -6.57 21.26 9.27
N VAL A 139 -6.31 20.72 10.46
CA VAL A 139 -6.42 19.27 10.67
C VAL A 139 -7.83 18.76 10.34
N ALA A 140 -8.86 19.41 10.89
CA ALA A 140 -10.24 19.07 10.57
C ALA A 140 -10.58 19.22 9.10
N THR A 141 -10.05 20.25 8.46
CA THR A 141 -10.28 20.51 7.00
C THR A 141 -9.78 19.31 6.20
N ILE A 142 -8.55 18.93 6.53
CA ILE A 142 -7.95 17.75 5.88
C ILE A 142 -8.67 16.41 6.19
N ARG A 143 -8.93 16.16 7.48
CA ARG A 143 -9.72 15.01 7.92
C ARG A 143 -11.04 14.94 7.17
N ASP A 144 -11.77 16.06 7.16
CA ASP A 144 -13.08 16.06 6.55
C ASP A 144 -13.03 15.79 5.06
N SER A 145 -12.04 16.35 4.39
CA SER A 145 -11.82 16.12 2.98
CA SER A 145 -11.82 16.12 2.97
C SER A 145 -11.50 14.67 2.69
N LEU A 146 -10.53 14.12 3.39
CA LEU A 146 -10.19 12.73 3.15
C LEU A 146 -11.34 11.80 3.43
N GLN A 147 -12.03 12.00 4.54
CA GLN A 147 -13.12 11.11 4.88
C GLN A 147 -14.30 11.27 3.93
N SER A 148 -14.65 12.51 3.59
CA SER A 148 -15.76 12.73 2.69
C SER A 148 -15.49 12.23 1.27
N ASP A 149 -14.33 12.60 0.73
CA ASP A 149 -13.96 12.23 -0.64
C ASP A 149 -13.82 10.71 -0.79
N SER A 150 -13.21 10.05 0.20
CA SER A 150 -12.95 8.61 0.13
C SER A 150 -14.13 7.74 0.55
N GLY A 151 -15.05 8.31 1.34
CA GLY A 151 -16.10 7.52 1.99
C GLY A 151 -15.62 6.65 3.13
N ASN A 152 -14.38 6.87 3.55
CA ASN A 152 -13.73 6.07 4.57
C ASN A 152 -13.55 6.90 5.83
N ASP A 153 -14.31 6.57 6.87
CA ASP A 153 -14.33 7.35 8.10
C ASP A 153 -13.28 7.04 9.17
N ILE A 154 -12.29 6.18 8.89
CA ILE A 154 -11.26 5.97 9.92
C ILE A 154 -10.53 7.28 10.20
N GLU A 155 -10.08 7.40 11.44
CA GLU A 155 -9.38 8.60 11.85
C GLU A 155 -8.06 8.75 11.07
N ILE A 156 -7.72 9.99 10.72
CA ILE A 156 -6.44 10.26 10.02
C ILE A 156 -5.26 10.37 11.00
N ALA A 157 -4.03 10.36 10.46
CA ALA A 157 -2.83 10.31 11.31
C ALA A 157 -2.49 11.62 11.99
N LEU A 158 -3.11 12.72 11.55
CA LEU A 158 -2.88 14.02 12.20
C LEU A 158 -3.70 14.16 13.47
N LYS A 159 -3.18 14.94 14.40
CA LYS A 159 -3.92 15.30 15.59
C LYS A 159 -4.02 16.81 15.62
N ASP A 160 -5.10 17.38 16.16
CA ASP A 160 -5.16 18.85 16.23
C ASP A 160 -3.94 19.39 16.98
N GLY A 161 -3.40 20.50 16.50
CA GLY A 161 -2.11 21.00 16.97
C GLY A 161 -0.96 20.66 16.01
N ASP A 162 -1.19 19.70 15.12
CA ASP A 162 -0.11 19.27 14.22
C ASP A 162 0.18 20.34 13.17
N ILE A 163 -0.80 21.20 12.88
CA ILE A 163 -0.64 22.17 11.80
C ILE A 163 -0.70 23.58 12.38
N ASN A 164 0.29 24.38 11.98
CA ASN A 164 0.33 25.81 12.26
C ASN A 164 0.93 26.58 11.10
N LYS A 165 1.13 27.89 11.25
CA LYS A 165 1.70 28.69 10.17
C LYS A 165 3.12 28.32 9.72
N ASP A 166 3.86 27.58 10.53
CA ASP A 166 5.21 27.18 10.16
C ASP A 166 5.22 25.83 9.44
N THR A 167 4.05 25.18 9.41
CA THR A 167 3.89 23.90 8.68
C THR A 167 4.13 24.15 7.20
N GLY A 168 4.75 23.17 6.54
CA GLY A 168 5.04 23.28 5.11
C GLY A 168 4.05 22.54 4.26
N ILE A 169 4.57 21.89 3.22
CA ILE A 169 3.75 21.19 2.23
C ILE A 169 3.13 19.96 2.87
N ILE A 170 1.85 19.76 2.60
CA ILE A 170 1.13 18.55 3.01
C ILE A 170 0.62 17.83 1.77
N LEU A 171 1.04 16.58 1.59
CA LEU A 171 0.50 15.81 0.46
C LEU A 171 -0.40 14.73 1.03
N THR A 172 -1.51 14.47 0.34
CA THR A 172 -2.42 13.41 0.78
C THR A 172 -2.81 12.52 -0.38
N ALA A 173 -3.19 11.28 -0.04
CA ALA A 173 -3.75 10.36 -1.02
C ALA A 173 -4.81 9.57 -0.33
N TYR A 174 -5.85 9.23 -1.07
CA TYR A 174 -6.73 8.15 -0.61
C TYR A 174 -6.84 7.09 -1.68
N THR A 175 -6.79 5.84 -1.24
CA THR A 175 -6.81 4.67 -2.11
C THR A 175 -7.97 3.79 -1.67
N ASN A 176 -8.86 3.49 -2.60
CA ASN A 176 -10.00 2.55 -2.33
C ASN A 176 -9.92 1.48 -3.35
N ILE A 177 -9.70 0.24 -2.91
CA ILE A 177 -9.69 -0.87 -3.87
C ILE A 177 -10.67 -1.96 -3.43
N TYR A 178 -11.43 -2.49 -4.39
CA TYR A 178 -12.40 -3.55 -4.14
C TYR A 178 -12.04 -4.75 -5.05
N PHE A 179 -11.95 -5.94 -4.46
CA PHE A 179 -11.66 -7.14 -5.21
C PHE A 179 -12.81 -8.15 -5.12
N PRO A 180 -13.39 -8.54 -6.26
CA PRO A 180 -14.24 -9.73 -6.23
C PRO A 180 -13.41 -11.01 -6.28
N TRP A 181 -14.02 -12.12 -5.88
CA TRP A 181 -13.32 -13.42 -5.96
C TRP A 181 -13.43 -13.92 -7.39
N GLY A 182 -12.57 -14.89 -7.72
CA GLY A 182 -12.68 -15.58 -9.01
C GLY A 182 -14.05 -16.25 -9.15
N GLU A 183 -14.41 -16.52 -10.40
CA GLU A 183 -15.72 -17.06 -10.74
C GLU A 183 -15.66 -18.43 -11.37
N ALA A 184 -14.46 -19.01 -11.43
CA ALA A 184 -14.32 -20.38 -11.89
C ALA A 184 -14.93 -21.33 -10.87
N SER A 185 -15.28 -22.52 -11.36
CA SER A 185 -15.79 -23.57 -10.49
C SER A 185 -14.89 -23.85 -9.27
N ASP A 186 -13.58 -23.73 -9.43
CA ASP A 186 -12.66 -24.00 -8.33
C ASP A 186 -11.91 -22.79 -7.82
N SER A 187 -12.41 -21.60 -8.13
CA SER A 187 -11.81 -20.38 -7.59
C SER A 187 -11.81 -20.41 -6.07
N TYR A 188 -10.69 -20.01 -5.49
CA TYR A 188 -10.60 -19.88 -4.04
C TYR A 188 -11.52 -18.76 -3.56
N ARG A 189 -12.29 -19.04 -2.50
CA ARG A 189 -13.20 -18.05 -1.94
C ARG A 189 -13.34 -18.36 -0.44
N PRO A 190 -13.63 -17.34 0.37
CA PRO A 190 -14.11 -17.57 1.73
C PRO A 190 -15.57 -18.04 1.70
N TYR A 191 -15.91 -18.89 2.65
CA TYR A 191 -17.24 -19.50 2.68
C TYR A 191 -17.99 -19.21 3.97
N LYS A 192 -17.31 -19.35 5.09
CA LYS A 192 -18.00 -19.21 6.38
C LYS A 192 -17.01 -18.95 7.48
N GLN A 193 -17.44 -18.22 8.50
CA GLN A 193 -16.54 -17.98 9.64
C GLN A 193 -16.65 -19.05 10.72
N ILE A 194 -15.49 -19.45 11.25
CA ILE A 194 -15.40 -20.46 12.31
C ILE A 194 -14.46 -19.97 13.41
N ASP A 195 -14.69 -20.44 14.63
CA ASP A 195 -13.80 -20.09 15.75
CA ASP A 195 -13.79 -20.12 15.73
C ASP A 195 -12.46 -20.85 15.58
N ILE A 196 -11.37 -20.15 15.86
CA ILE A 196 -10.02 -20.75 15.93
C ILE A 196 -9.29 -20.27 17.18
N SER A 197 -8.30 -21.05 17.62
CA SER A 197 -7.43 -20.60 18.71
C SER A 197 -6.25 -19.90 18.07
N PHE A 198 -5.92 -18.72 18.57
CA PHE A 198 -4.82 -17.95 18.03
C PHE A 198 -3.80 -17.67 19.13
N THR A 199 -2.51 -17.72 18.78
CA THR A 199 -1.47 -17.34 19.68
C THR A 199 -0.72 -16.20 19.05
N ALA A 200 -0.80 -15.05 19.71
CA ALA A 200 -0.15 -13.83 19.24
C ALA A 200 1.38 -13.88 19.34
N LEU A 201 2.04 -12.94 18.69
CA LEU A 201 3.49 -12.84 18.70
C LEU A 201 4.02 -12.81 20.14
N ASP A 202 3.30 -12.11 21.02
CA ASP A 202 3.78 -11.98 22.40
C ASP A 202 3.27 -13.12 23.28
N GLY A 203 2.65 -14.13 22.68
CA GLY A 203 2.18 -15.31 23.40
C GLY A 203 0.74 -15.27 23.86
N THR A 204 0.07 -14.12 23.71
CA THR A 204 -1.33 -14.02 24.11
C THR A 204 -2.20 -15.06 23.40
N GLN A 205 -2.91 -15.87 24.19
CA GLN A 205 -3.81 -16.86 23.61
C GLN A 205 -5.22 -16.29 23.61
N SER A 206 -5.89 -16.39 22.47
CA SER A 206 -7.27 -15.93 22.39
C SER A 206 -8.03 -16.75 21.38
N ASN A 207 -9.32 -16.47 21.29
CA ASN A 207 -10.14 -17.05 20.23
C ASN A 207 -10.43 -15.97 19.18
N LYS A 208 -10.40 -16.36 17.90
CA LYS A 208 -10.76 -15.47 16.82
C LYS A 208 -11.72 -16.11 15.83
N GLN A 209 -12.52 -15.29 15.15
CA GLN A 209 -13.22 -15.81 14.01
CA GLN A 209 -13.25 -15.79 14.00
C GLN A 209 -12.27 -15.81 12.84
N ALA A 210 -12.40 -16.84 12.00
CA ALA A 210 -11.56 -16.97 10.82
C ALA A 210 -12.42 -17.44 9.67
N TRP A 211 -12.10 -16.94 8.47
CA TRP A 211 -12.81 -17.37 7.29
C TRP A 211 -12.33 -18.75 6.83
N TYR A 212 -13.21 -19.76 6.98
CA TYR A 212 -12.93 -21.01 6.29
C TYR A 212 -13.09 -20.74 4.80
N SER A 213 -12.01 -21.07 4.06
CA SER A 213 -11.92 -20.74 2.65
C SER A 213 -11.33 -21.93 1.91
N GLU A 214 -11.76 -22.12 0.67
CA GLU A 214 -11.15 -23.21 -0.11
C GLU A 214 -11.21 -22.97 -1.60
N GLY A 215 -10.35 -23.68 -2.31
CA GLY A 215 -10.32 -23.60 -3.77
C GLY A 215 -8.89 -23.86 -4.22
N ALA A 216 -8.72 -23.85 -5.53
CA ALA A 216 -7.42 -24.14 -6.15
C ALA A 216 -6.45 -23.04 -5.74
N GLY A 217 -5.19 -23.43 -5.52
CA GLY A 217 -4.17 -22.48 -5.12
C GLY A 217 -2.82 -23.12 -5.29
N LYS A 218 -1.84 -22.55 -4.61
CA LYS A 218 -0.46 -23.05 -4.67
C LYS A 218 0.17 -22.93 -3.30
N TYR A 219 1.19 -23.74 -3.05
CA TYR A 219 1.76 -23.82 -1.73
C TYR A 219 3.24 -24.12 -1.80
N ALA A 220 4.00 -23.58 -0.85
CA ALA A 220 5.38 -24.06 -0.68
C ALA A 220 5.88 -23.82 0.74
N GLU A 221 6.77 -24.70 1.19
CA GLU A 221 7.58 -24.45 2.39
C GLU A 221 8.91 -23.94 1.86
N ILE A 222 9.35 -22.76 2.28
CA ILE A 222 10.54 -22.15 1.72
C ILE A 222 11.54 -22.01 2.86
N GLU A 223 12.37 -23.04 3.02
CA GLU A 223 13.25 -23.11 4.15
C GLU A 223 14.20 -21.92 4.26
N ASN A 224 14.79 -21.47 3.15
CA ASN A 224 15.75 -20.36 3.25
C ASN A 224 15.11 -19.05 3.74
N LEU A 225 13.80 -18.91 3.54
CA LEU A 225 13.11 -17.72 4.03
C LEU A 225 12.42 -17.94 5.37
N GLY A 226 12.43 -19.17 5.86
CA GLY A 226 11.81 -19.53 7.11
C GLY A 226 10.30 -19.41 7.14
N ILE A 227 9.68 -19.52 5.96
CA ILE A 227 8.22 -19.35 5.85
C ILE A 227 7.54 -20.43 5.02
N LYS A 228 6.25 -20.62 5.27
CA LYS A 228 5.41 -21.33 4.32
C LYS A 228 4.51 -20.31 3.67
N VAL A 229 4.17 -20.57 2.43
CA VAL A 229 3.43 -19.60 1.65
C VAL A 229 2.27 -20.29 0.96
N PHE A 230 1.12 -19.62 0.97
CA PHE A 230 -0.11 -20.08 0.29
C PHE A 230 -0.45 -18.99 -0.69
N GLN A 231 -0.88 -19.40 -1.87
CA GLN A 231 -1.09 -18.46 -2.94
C GLN A 231 -2.34 -18.85 -3.69
N PHE A 232 -3.12 -17.84 -4.08
CA PHE A 232 -4.31 -18.14 -4.89
C PHE A 232 -4.65 -16.94 -5.76
N SER A 233 -5.37 -17.19 -6.84
CA SER A 233 -5.86 -16.12 -7.70
C SER A 233 -7.18 -15.55 -7.24
N LEU A 234 -7.38 -14.26 -7.49
CA LEU A 234 -8.73 -13.67 -7.43
C LEU A 234 -9.30 -13.82 -8.85
N LYS A 235 -9.84 -12.75 -9.44
CA LYS A 235 -10.11 -12.83 -10.88
C LYS A 235 -8.75 -12.92 -11.61
N PRO A 236 -8.73 -13.46 -12.84
CA PRO A 236 -7.41 -13.69 -13.45
C PRO A 236 -6.50 -12.44 -13.51
N GLY A 237 -5.24 -12.63 -13.18
CA GLY A 237 -4.30 -11.51 -13.13
C GLY A 237 -3.98 -11.07 -11.72
N LEU A 238 -4.84 -11.39 -10.78
CA LEU A 238 -4.67 -10.95 -9.41
C LEU A 238 -4.31 -12.13 -8.54
N THR A 239 -3.41 -11.90 -7.57
CA THR A 239 -2.88 -13.02 -6.78
C THR A 239 -2.81 -12.54 -5.33
N VAL A 240 -3.22 -13.41 -4.41
CA VAL A 240 -2.98 -13.14 -3.01
C VAL A 240 -1.92 -14.11 -2.53
N VAL A 241 -0.98 -13.63 -1.71
CA VAL A 241 0.03 -14.46 -1.08
C VAL A 241 -0.14 -14.32 0.42
N LEU A 242 -0.27 -15.45 1.11
CA LEU A 242 -0.33 -15.48 2.57
C LEU A 242 0.92 -16.18 3.04
N GLY A 243 1.63 -15.59 4.01
CA GLY A 243 2.79 -16.32 4.56
C GLY A 243 2.81 -16.35 6.07
N THR A 244 3.50 -17.35 6.61
CA THR A 244 3.61 -17.49 8.06
C THR A 244 4.86 -18.30 8.33
N SER A 245 5.40 -18.19 9.53
CA SER A 245 6.68 -18.82 9.82
C SER A 245 6.58 -20.34 9.86
N LEU A 246 7.69 -20.98 9.52
CA LEU A 246 7.75 -22.42 9.59
C LEU A 246 7.83 -22.82 11.04
N ASN A 247 8.57 -22.04 11.83
CA ASN A 247 8.75 -22.25 13.26
C ASN A 247 7.67 -21.57 14.12
N ASP A 248 7.23 -22.25 15.19
CA ASP A 248 6.32 -21.63 16.18
C ASP A 248 6.92 -20.34 16.77
N ASN A 249 8.25 -20.17 16.68
CA ASN A 249 8.88 -18.97 17.26
C ASN A 249 8.67 -17.69 16.44
N ASN A 250 7.91 -17.78 15.34
CA ASN A 250 7.60 -16.59 14.51
C ASN A 250 8.83 -15.81 14.07
N ASP A 251 9.84 -16.57 13.65
CA ASP A 251 11.09 -15.97 13.17
C ASP A 251 10.94 -15.45 11.74
N LEU A 252 10.26 -14.30 11.62
CA LEU A 252 9.90 -13.74 10.34
C LEU A 252 10.87 -12.71 9.82
N SER A 253 11.79 -12.22 10.64
CA SER A 253 12.61 -11.09 10.22
C SER A 253 13.45 -11.38 8.96
N GLY A 254 13.98 -12.60 8.81
CA GLY A 254 14.79 -12.86 7.61
C GLY A 254 13.98 -12.79 6.33
N ALA A 255 12.75 -13.30 6.36
CA ALA A 255 11.82 -13.21 5.23
C ALA A 255 11.52 -11.74 4.92
N PHE A 256 11.22 -10.95 5.95
CA PHE A 256 10.90 -9.53 5.70
C PHE A 256 12.14 -8.76 5.20
N ASN A 257 13.33 -9.09 5.70
CA ASN A 257 14.52 -8.43 5.19
C ASN A 257 14.75 -8.77 3.71
N LYS A 258 14.58 -10.06 3.36
CA LYS A 258 14.71 -10.49 1.97
C LYS A 258 13.65 -9.83 1.06
N LEU A 259 12.45 -9.58 1.59
CA LEU A 259 11.41 -8.90 0.82
C LEU A 259 11.77 -7.46 0.44
N ARG A 260 12.78 -6.85 1.09
CA ARG A 260 13.31 -5.55 0.61
C ARG A 260 13.88 -5.60 -0.82
N ASP A 261 14.34 -6.78 -1.22
CA ASP A 261 14.82 -7.04 -2.58
C ASP A 261 13.64 -7.54 -3.42
N PRO A 262 13.28 -6.81 -4.50
CA PRO A 262 12.13 -7.25 -5.34
C PRO A 262 12.28 -8.64 -5.92
N ALA A 263 13.51 -9.14 -6.04
CA ALA A 263 13.67 -10.49 -6.54
C ALA A 263 13.00 -11.55 -5.68
N THR A 264 12.88 -11.27 -4.38
CA THR A 264 12.35 -12.28 -3.45
C THR A 264 10.91 -12.65 -3.77
N LEU A 265 10.08 -11.65 -4.08
CA LEU A 265 8.72 -12.00 -4.42
C LEU A 265 8.61 -12.81 -5.71
N ALA A 266 9.47 -12.49 -6.69
CA ALA A 266 9.44 -13.24 -7.97
C ALA A 266 9.85 -14.68 -7.70
N TYR A 267 10.84 -14.86 -6.84
CA TYR A 267 11.26 -16.20 -6.38
C TYR A 267 10.10 -16.93 -5.71
N ILE A 268 9.47 -16.31 -4.72
CA ILE A 268 8.35 -16.94 -4.02
C ILE A 268 7.29 -17.45 -5.01
N LEU A 269 6.95 -16.61 -5.99
CA LEU A 269 5.87 -16.90 -6.95
C LEU A 269 6.16 -18.06 -7.88
N THR A 270 7.43 -18.46 -7.94
CA THR A 270 7.75 -19.64 -8.75
C THR A 270 7.99 -20.87 -7.87
N GLN A 271 8.29 -20.69 -6.58
CA GLN A 271 8.59 -21.87 -5.74
C GLN A 271 7.33 -22.63 -5.36
N THR A 272 6.21 -21.92 -5.38
CA THR A 272 4.94 -22.54 -4.99
C THR A 272 4.53 -23.57 -6.05
N GLU A 273 3.80 -24.60 -5.60
CA GLU A 273 3.28 -25.62 -6.50
C GLU A 273 1.79 -25.78 -6.25
N SER A 274 1.08 -26.12 -7.32
CA SER A 274 -0.37 -26.34 -7.25
CA SER A 274 -0.37 -26.33 -7.24
C SER A 274 -0.80 -27.24 -6.10
N LYS A 275 -1.83 -26.81 -5.38
CA LYS A 275 -2.37 -27.56 -4.25
C LYS A 275 -3.78 -27.06 -4.04
N TYR A 276 -4.75 -27.97 -3.83
CA TYR A 276 -6.09 -27.51 -3.47
C TYR A 276 -6.02 -27.02 -2.02
N LEU A 277 -6.46 -25.79 -1.78
CA LEU A 277 -6.29 -25.18 -0.47
C LEU A 277 -7.57 -25.23 0.32
N LYS A 278 -7.45 -25.63 1.59
CA LYS A 278 -8.55 -25.60 2.56
C LYS A 278 -7.97 -24.93 3.82
N LEU A 279 -8.34 -23.66 4.04
CA LEU A 279 -7.67 -22.81 5.01
C LEU A 279 -8.67 -22.11 5.90
N ALA A 280 -8.20 -21.70 7.08
CA ALA A 280 -8.96 -20.81 7.96
C ALA A 280 -8.11 -19.58 8.30
N VAL A 281 -8.58 -18.39 7.90
CA VAL A 281 -7.75 -17.19 7.95
C VAL A 281 -8.49 -16.14 8.76
N PRO A 282 -7.90 -15.71 9.89
CA PRO A 282 -8.53 -14.68 10.76
C PRO A 282 -8.20 -13.32 10.20
N ILE A 283 -9.08 -12.85 9.32
CA ILE A 283 -8.89 -11.59 8.64
C ILE A 283 -10.26 -10.98 8.38
N GLU A 284 -10.30 -9.66 8.40
CA GLU A 284 -11.52 -8.95 8.03
C GLU A 284 -11.53 -8.72 6.53
N LEU A 285 -12.69 -8.90 5.89
CA LEU A 285 -12.81 -8.69 4.44
C LEU A 285 -12.87 -7.21 4.02
N THR A 286 -13.15 -6.32 4.97
CA THR A 286 -12.95 -4.88 4.75
C THR A 286 -11.92 -4.41 5.76
N MET A 287 -10.87 -3.79 5.23
CA MET A 287 -9.78 -3.28 6.05
C MET A 287 -9.55 -1.80 5.77
N ARG A 288 -9.24 -1.05 6.82
CA ARG A 288 -9.00 0.38 6.70
C ARG A 288 -7.73 0.80 7.39
N ASP A 289 -7.00 1.73 6.77
CA ASP A 289 -5.74 2.24 7.32
C ASP A 289 -5.57 3.72 6.98
N SER A 290 -5.03 4.49 7.91
CA SER A 290 -4.71 5.86 7.60
C SER A 290 -3.42 6.21 8.35
N ARG A 291 -2.41 6.65 7.60
CA ARG A 291 -1.08 6.88 8.13
C ARG A 291 -0.43 8.12 7.53
N ASP A 292 0.72 8.48 8.11
CA ASP A 292 1.62 9.48 7.57
C ASP A 292 2.84 8.68 7.18
N TYR A 293 3.24 8.74 5.90
CA TYR A 293 4.43 7.95 5.51
C TYR A 293 5.75 8.44 6.12
N ILE A 294 5.81 9.71 6.52
CA ILE A 294 7.13 10.31 6.79
C ILE A 294 7.94 9.58 7.89
N PRO A 295 7.28 9.15 9.00
CA PRO A 295 8.06 8.43 9.99
C PRO A 295 8.67 7.17 9.43
N GLU A 296 7.98 6.52 8.49
CA GLU A 296 8.52 5.26 7.94
C GLU A 296 9.65 5.54 6.97
N VAL A 297 9.52 6.64 6.20
CA VAL A 297 10.54 7.02 5.24
C VAL A 297 11.82 7.39 6.02
N LYS A 298 11.64 8.10 7.14
CA LYS A 298 12.77 8.42 8.05
C LYS A 298 13.39 7.17 8.65
N ARG A 299 12.57 6.22 9.11
CA ARG A 299 13.14 4.93 9.60
C ARG A 299 14.00 4.24 8.59
N ALA A 300 13.64 4.36 7.31
CA ALA A 300 14.38 3.72 6.23
C ALA A 300 15.65 4.51 5.84
N GLY A 301 15.86 5.66 6.49
CA GLY A 301 17.04 6.51 6.23
C GLY A 301 17.02 7.26 4.91
N LEU A 302 15.84 7.47 4.36
CA LEU A 302 15.69 7.98 3.00
C LEU A 302 15.26 9.44 3.04
N LEU A 303 15.87 10.25 2.17
CA LEU A 303 15.33 11.59 1.84
C LEU A 303 15.13 12.48 3.08
N THR A 304 15.96 12.30 4.10
CA THR A 304 15.67 12.88 5.39
C THR A 304 15.62 14.41 5.34
N GLU A 305 16.44 15.02 4.50
CA GLU A 305 16.53 16.50 4.39
C GLU A 305 15.19 17.12 3.97
N LEU A 306 14.38 16.39 3.20
CA LEU A 306 13.12 16.95 2.71
C LEU A 306 12.15 17.34 3.81
N PHE A 307 12.35 16.80 5.01
CA PHE A 307 11.36 16.91 6.09
C PHE A 307 11.78 17.93 7.15
N GLU A 308 12.89 18.61 6.88
CA GLU A 308 13.46 19.62 7.79
C GLU A 308 12.98 20.98 7.36
N LYS A 309 12.65 21.83 8.35
CA LYS A 309 12.05 23.13 8.02
C LYS A 309 12.95 23.98 7.16
N ASN A 310 14.26 23.75 7.24
CA ASN A 310 15.26 24.55 6.50
C ASN A 310 15.60 24.01 5.11
N PHE A 311 14.91 22.94 4.69
CA PHE A 311 15.22 22.34 3.39
C PHE A 311 15.24 23.36 2.25
N ASP A 312 16.21 23.23 1.36
CA ASP A 312 16.31 24.16 0.26
C ASP A 312 16.46 23.45 -1.09
N GLY A 313 15.96 22.23 -1.17
CA GLY A 313 16.16 21.41 -2.38
C GLY A 313 15.08 21.38 -3.43
N PHE A 314 13.94 21.99 -3.17
CA PHE A 314 12.88 22.10 -4.19
C PHE A 314 13.11 23.39 -5.01
N ASP A 315 12.71 23.34 -6.27
CA ASP A 315 13.01 24.35 -7.26
C ASP A 315 11.72 25.07 -7.69
N THR A 316 10.70 24.30 -8.06
CA THR A 316 9.49 24.83 -8.63
C THR A 316 8.22 24.35 -7.95
N VAL A 317 8.31 23.92 -6.69
CA VAL A 317 7.12 23.71 -5.89
C VAL A 317 6.51 25.09 -5.57
N TYR A 318 7.37 26.00 -5.12
CA TYR A 318 6.97 27.41 -4.88
C TYR A 318 7.83 28.34 -5.73
N ASP A 319 7.30 29.51 -6.05
CA ASP A 319 8.09 30.48 -6.84
C ASP A 319 9.13 31.21 -6.01
N ASN A 320 8.83 31.42 -4.73
CA ASN A 320 9.58 32.27 -3.81
CA ASN A 320 9.76 32.25 -3.96
C ASN A 320 10.50 31.56 -2.80
N LYS A 321 10.39 30.23 -2.72
CA LYS A 321 11.11 29.47 -1.69
C LYS A 321 11.19 28.03 -2.15
N SER A 322 11.99 27.25 -1.44
CA SER A 322 12.01 25.78 -1.66
C SER A 322 10.71 25.15 -1.14
N GLY A 323 10.42 25.38 0.14
CA GLY A 323 9.42 24.61 0.85
C GLY A 323 10.01 23.30 1.37
N TYR A 324 9.26 22.65 2.25
CA TYR A 324 9.68 21.37 2.84
C TYR A 324 8.42 20.56 3.07
N ILE A 325 8.58 19.25 3.26
CA ILE A 325 7.44 18.38 3.41
C ILE A 325 7.12 18.13 4.88
N SER A 326 5.91 18.49 5.29
CA SER A 326 5.45 18.28 6.67
C SER A 326 4.73 16.98 6.95
N TYR A 327 3.83 16.58 6.05
CA TYR A 327 3.05 15.35 6.24
C TYR A 327 2.76 14.75 4.89
N MET A 328 2.79 13.41 4.83
CA MET A 328 2.45 12.68 3.62
C MET A 328 1.40 11.64 3.97
N LEU A 329 0.12 12.01 3.88
CA LEU A 329 -0.97 11.15 4.38
C LEU A 329 -1.48 10.17 3.36
N SER A 330 -1.75 8.95 3.80
CA SER A 330 -2.28 7.93 2.91
C SER A 330 -3.43 7.25 3.63
N HIS A 331 -4.61 7.26 3.01
CA HIS A 331 -5.90 6.94 3.65
C HIS A 331 -6.58 5.86 2.81
N THR A 332 -6.62 4.64 3.34
CA THR A 332 -6.84 3.46 2.53
C THR A 332 -8.02 2.58 2.96
N ARG A 333 -8.80 2.12 1.98
CA ARG A 333 -9.87 1.11 2.22
C ARG A 333 -9.67 -0.01 1.22
N LEU A 334 -9.50 -1.22 1.76
CA LEU A 334 -9.33 -2.44 1.00
C LEU A 334 -10.54 -3.35 1.29
N GLU A 335 -11.28 -3.70 0.25
CA GLU A 335 -12.49 -4.51 0.40
C GLU A 335 -12.46 -5.74 -0.48
N PHE A 336 -12.81 -6.89 0.10
CA PHE A 336 -13.04 -8.12 -0.65
C PHE A 336 -14.52 -8.47 -0.62
N GLU A 337 -14.99 -9.03 -1.72
CA GLU A 337 -16.39 -9.45 -1.85
C GLU A 337 -16.80 -10.37 -0.70
N GLN A 338 -17.98 -10.12 -0.14
CA GLN A 338 -18.52 -10.94 0.95
C GLN A 338 -19.17 -12.23 0.40
N PRO A 339 -18.93 -13.40 1.05
CA PRO A 339 -19.65 -14.60 0.62
C PRO A 339 -21.14 -14.61 1.01
N THR A 340 -21.90 -15.43 0.32
CA THR A 340 -23.35 -15.56 0.56
C THR A 340 -23.63 -16.78 1.44
N GLU A 341 -24.81 -16.77 2.07
CA GLU A 341 -25.29 -17.93 2.84
C GLU A 341 -25.40 -19.19 1.98
N GLU A 342 -25.85 -19.06 0.73
CA GLU A 342 -25.88 -20.19 -0.20
C GLU A 342 -24.49 -20.79 -0.49
N GLN A 343 -23.48 -19.93 -0.63
CA GLN A 343 -22.13 -20.42 -0.82
C GLN A 343 -21.66 -21.19 0.42
N ALA A 344 -21.96 -20.66 1.61
CA ALA A 344 -21.52 -21.31 2.87
C ALA A 344 -21.97 -22.77 2.93
N ALA A 345 -23.20 -23.03 2.50
CA ALA A 345 -23.79 -24.35 2.60
C ALA A 345 -23.17 -25.36 1.63
N SER A 346 -22.39 -24.87 0.66
CA SER A 346 -21.80 -25.75 -0.37
C SER A 346 -20.48 -26.44 0.01
N VAL A 347 -19.89 -26.09 1.16
CA VAL A 347 -18.63 -26.73 1.57
C VAL A 347 -18.70 -27.20 3.03
N VAL A 348 -17.85 -28.15 3.39
CA VAL A 348 -17.70 -28.59 4.76
C VAL A 348 -16.41 -27.94 5.28
N ALA A 349 -16.53 -27.19 6.38
CA ALA A 349 -15.42 -26.39 6.94
C ALA A 349 -14.43 -27.29 7.70
N GLU A 350 -13.56 -27.92 6.92
CA GLU A 350 -12.50 -28.80 7.43
C GLU A 350 -11.19 -28.28 6.89
N PRO A 351 -10.61 -27.28 7.58
CA PRO A 351 -9.36 -26.75 7.03
C PRO A 351 -8.19 -27.69 7.19
N ASP A 352 -7.33 -27.71 6.19
CA ASP A 352 -6.05 -28.42 6.29
C ASP A 352 -5.02 -27.60 7.01
N PHE A 353 -5.19 -26.26 6.98
CA PHE A 353 -4.26 -25.40 7.67
C PHE A 353 -5.02 -24.22 8.28
N ILE A 354 -4.69 -23.91 9.52
CA ILE A 354 -5.23 -22.72 10.20
C ILE A 354 -4.14 -21.69 10.48
N PHE A 355 -4.41 -20.44 10.14
CA PHE A 355 -3.51 -19.37 10.47
C PHE A 355 -3.73 -18.98 11.92
N ASP A 356 -3.06 -19.71 12.82
CA ASP A 356 -3.30 -19.62 14.24
C ASP A 356 -2.18 -18.89 14.96
N LYS A 357 -1.36 -18.16 14.20
CA LYS A 357 -0.28 -17.39 14.74
C LYS A 357 0.01 -16.24 13.75
N PRO A 358 0.97 -15.37 14.08
CA PRO A 358 1.25 -14.23 13.20
C PRO A 358 1.47 -14.62 11.74
N TYR A 359 0.95 -13.79 10.85
CA TYR A 359 1.08 -14.07 9.42
C TYR A 359 1.04 -12.78 8.63
N PHE A 360 1.37 -12.83 7.35
CA PHE A 360 1.34 -11.63 6.53
C PHE A 360 0.66 -11.91 5.21
N PHE A 361 0.27 -10.84 4.52
CA PHE A 361 -0.38 -11.02 3.22
C PHE A 361 0.14 -9.99 2.23
N LEU A 362 0.16 -10.37 0.96
CA LEU A 362 0.35 -9.40 -0.14
C LEU A 362 -0.77 -9.63 -1.12
N VAL A 363 -1.26 -8.56 -1.71
CA VAL A 363 -2.25 -8.66 -2.78
C VAL A 363 -1.55 -8.09 -4.03
N LEU A 364 -1.43 -8.89 -5.09
CA LEU A 364 -0.66 -8.46 -6.30
C LEU A 364 -1.57 -8.26 -7.46
N ASP A 365 -1.19 -7.32 -8.34
CA ASP A 365 -1.88 -7.16 -9.61
C ASP A 365 -1.18 -7.93 -10.72
N GLN A 366 -1.55 -7.68 -11.98
CA GLN A 366 -1.05 -8.52 -13.07
C GLN A 366 0.41 -8.27 -13.40
N PHE A 367 0.98 -7.26 -12.77
CA PHE A 367 2.41 -7.00 -12.88
C PHE A 367 3.20 -7.65 -11.77
N ASN A 368 2.49 -8.46 -10.95
CA ASN A 368 3.09 -9.18 -9.86
C ASN A 368 3.80 -8.26 -8.86
N THR A 369 3.17 -7.10 -8.62
CA THR A 369 3.71 -6.18 -7.62
C THR A 369 2.56 -5.94 -6.61
N PRO A 370 2.90 -5.64 -5.34
CA PRO A 370 1.80 -5.60 -4.34
C PRO A 370 1.04 -4.29 -4.39
N ALA A 371 -0.26 -4.39 -4.61
CA ALA A 371 -1.14 -3.25 -4.32
C ALA A 371 -1.10 -2.96 -2.80
N PHE A 372 -1.09 -4.03 -1.99
CA PHE A 372 -1.10 -3.88 -0.54
C PHE A 372 -0.20 -4.91 0.08
N ILE A 373 0.30 -4.59 1.27
CA ILE A 373 0.98 -5.59 2.12
C ILE A 373 0.47 -5.40 3.55
N GLY A 374 0.27 -6.50 4.27
CA GLY A 374 -0.27 -6.44 5.64
C GLY A 374 0.39 -7.44 6.56
N LEU A 375 0.33 -7.12 7.85
CA LEU A 375 0.97 -7.95 8.88
C LEU A 375 -0.02 -8.10 10.04
N ILE A 376 -0.25 -9.35 10.45
CA ILE A 376 -1.16 -9.63 11.56
C ILE A 376 -0.31 -10.30 12.64
N THR A 377 -0.15 -9.65 13.79
CA THR A 377 0.65 -10.25 14.85
C THR A 377 -0.19 -10.64 16.07
N ASN A 378 -1.41 -10.09 16.14
CA ASN A 378 -2.23 -10.38 17.34
C ASN A 378 -3.74 -10.36 17.09
#